data_2NNY
#
_entry.id   2NNY
#
_cell.length_a   93.556
_cell.length_b   100.838
_cell.length_c   69.800
_cell.angle_alpha   90.00
_cell.angle_beta   90.00
_cell.angle_gamma   90.00
#
_symmetry.space_group_name_H-M   'P 21 21 2'
#
loop_
_entity.id
_entity.type
_entity.pdbx_description
1 polymer "5'-D(*T*AP*GP*AP*CP*AP*GP*GP*AP*AP*GP*CP*AP*CP*TP*TP*CP*CP*TP*GP*GP*AP*G)-3'"
2 polymer "5'-D(*A*CP*TP*CP*CP*AP*GP*GP*AP*AP*GP*TP*GP*CP*TP*TP*CP*CP*TP*GP*TP*CP*T)-3'"
3 polymer 'C-ets-1 protein'
4 water water
#
loop_
_entity_poly.entity_id
_entity_poly.type
_entity_poly.pdbx_seq_one_letter_code
_entity_poly.pdbx_strand_id
1 'polydeoxyribonucleotide'
;(DT)(DA)(DG)(DA)(DC)(DA)(DG)(DG)(DA)(DA)(DG)(DC)(DA)(DC)(DT)(DT)(DC)(DC)(DT)(DG)
(DG)(DA)(DG)
;
C
2 'polydeoxyribonucleotide'
;(DA)(DC)(DT)(DC)(DC)(DA)(DG)(DG)(DA)(DA)(DG)(DT)(DG)(DC)(DT)(DT)(DC)(DC)(DT)(DG)
(DT)(DC)(DT)
;
D
3 'polypeptide(L)'
;MKHHHHHPMVPSYDSFDSEDYPAALPNHKPKGTFKDYVRDRADLNKDKPVIPAAALAGYTGSGPIQLWQFLLELLTDKSS
QSFISWTGDGWEFKLSDPDEVARRWGKRKNKPKMNYEKLSRGLRYYYDKNIIHKTAGKRYVYRFVSDLQSLLGYTPEELH
AMLDVKPDADE
;
A,B
#
loop_
_chem_comp.id
_chem_comp.type
_chem_comp.name
_chem_comp.formula
DA DNA linking 2'-DEOXYADENOSINE-5'-MONOPHOSPHATE 'C10 H14 N5 O6 P'
DC DNA linking 2'-DEOXYCYTIDINE-5'-MONOPHOSPHATE 'C9 H14 N3 O7 P'
DG DNA linking 2'-DEOXYGUANOSINE-5'-MONOPHOSPHATE 'C10 H14 N5 O7 P'
DT DNA linking THYMIDINE-5'-MONOPHOSPHATE 'C10 H15 N2 O8 P'
#
# COMPACT_ATOMS: atom_id res chain seq x y z
N VAL C 38 31.49 -21.58 -17.17
CA VAL C 38 30.07 -21.42 -16.75
C VAL C 38 29.78 -20.01 -16.28
N ARG C 39 29.72 -19.05 -17.21
CA ARG C 39 29.45 -17.68 -16.83
C ARG C 39 28.01 -17.48 -16.38
N ASP C 40 27.08 -17.78 -17.28
CA ASP C 40 25.67 -17.61 -16.99
C ASP C 40 25.30 -18.26 -15.66
N ARG C 41 25.44 -17.47 -14.60
CA ARG C 41 25.14 -17.90 -13.25
C ARG C 41 23.72 -17.51 -12.87
N ALA C 42 23.01 -18.47 -12.31
CA ALA C 42 21.65 -18.26 -11.85
C ALA C 42 21.63 -18.71 -10.39
N ASP C 43 21.98 -17.81 -9.48
CA ASP C 43 21.96 -18.17 -8.07
C ASP C 43 20.60 -17.79 -7.51
N LEU C 44 19.58 -18.51 -7.98
CA LEU C 44 18.19 -18.33 -7.59
C LEU C 44 17.84 -16.89 -7.21
N ASN C 45 17.09 -16.73 -6.12
CA ASN C 45 16.65 -15.43 -5.65
C ASN C 45 17.69 -14.73 -4.75
N LYS C 46 17.47 -14.77 -3.44
CA LYS C 46 18.38 -14.10 -2.51
C LYS C 46 17.88 -14.33 -1.08
N ASP C 47 17.61 -13.23 -0.37
CA ASP C 47 17.10 -13.31 1.00
C ASP C 47 15.90 -12.36 1.12
N LYS C 48 14.84 -12.67 0.38
CA LYS C 48 13.64 -11.86 0.37
C LYS C 48 12.43 -12.79 0.37
N PRO C 49 11.28 -12.33 0.87
CA PRO C 49 10.09 -13.18 0.88
C PRO C 49 9.89 -13.85 -0.48
N VAL C 50 9.77 -15.18 -0.47
CA VAL C 50 9.57 -15.94 -1.70
C VAL C 50 8.36 -15.42 -2.45
N ILE C 51 7.27 -15.19 -1.72
CA ILE C 51 6.06 -14.66 -2.32
C ILE C 51 5.72 -13.32 -1.67
N PRO C 52 6.31 -12.24 -2.18
CA PRO C 52 6.04 -10.92 -1.62
C PRO C 52 4.60 -10.53 -1.93
N ALA C 53 3.97 -9.79 -1.01
CA ALA C 53 2.58 -9.36 -1.17
C ALA C 53 2.37 -8.36 -2.28
N ALA C 54 3.24 -7.37 -2.39
CA ALA C 54 3.07 -6.38 -3.45
C ALA C 54 3.03 -7.03 -4.81
N ALA C 55 3.97 -7.93 -5.08
CA ALA C 55 4.03 -8.61 -6.37
C ALA C 55 2.82 -9.52 -6.58
N LEU C 56 2.46 -10.30 -5.57
CA LEU C 56 1.30 -11.18 -5.69
C LEU C 56 0.10 -10.33 -6.06
N ALA C 57 -0.15 -9.29 -5.28
CA ALA C 57 -1.28 -8.40 -5.51
C ALA C 57 -1.19 -7.67 -6.85
N GLY C 58 0.03 -7.37 -7.29
CA GLY C 58 0.20 -6.67 -8.55
C GLY C 58 -0.10 -7.61 -9.70
N TYR C 59 0.35 -8.85 -9.54
CA TYR C 59 0.15 -9.88 -10.51
C TYR C 59 -1.35 -10.16 -10.69
N THR C 60 -2.08 -10.26 -9.60
CA THR C 60 -3.51 -10.55 -9.70
C THR C 60 -4.39 -9.32 -9.83
N GLY C 61 -3.79 -8.13 -9.78
CA GLY C 61 -4.58 -6.92 -9.88
C GLY C 61 -5.78 -6.98 -8.96
N SER C 62 -5.55 -7.42 -7.72
CA SER C 62 -6.60 -7.58 -6.73
C SER C 62 -6.89 -6.34 -5.90
N GLY C 63 -6.16 -5.26 -6.17
CA GLY C 63 -6.37 -4.04 -5.41
C GLY C 63 -5.33 -3.89 -4.32
N PRO C 64 -5.58 -3.05 -3.31
CA PRO C 64 -4.60 -2.90 -2.24
C PRO C 64 -4.35 -4.23 -1.53
N ILE C 65 -3.15 -4.40 -0.98
CA ILE C 65 -2.77 -5.63 -0.31
C ILE C 65 -3.80 -6.06 0.75
N GLN C 66 -4.06 -7.37 0.81
CA GLN C 66 -5.05 -7.98 1.73
C GLN C 66 -4.43 -8.82 2.85
N LEU C 67 -5.19 -9.04 3.93
CA LEU C 67 -4.65 -9.79 5.06
C LEU C 67 -4.01 -11.12 4.72
N TRP C 68 -4.67 -11.94 3.92
CA TRP C 68 -4.09 -13.22 3.61
C TRP C 68 -2.82 -13.10 2.77
N GLN C 69 -2.75 -12.08 1.92
CA GLN C 69 -1.57 -11.91 1.08
C GLN C 69 -0.38 -11.53 1.94
N PHE C 70 -0.64 -10.72 2.95
CA PHE C 70 0.36 -10.27 3.89
C PHE C 70 0.89 -11.45 4.72
N LEU C 71 -0.01 -12.25 5.28
CA LEU C 71 0.42 -13.41 6.08
C LEU C 71 1.22 -14.36 5.19
N LEU C 72 0.88 -14.40 3.91
CA LEU C 72 1.58 -15.27 3.00
C LEU C 72 3.01 -14.80 2.82
N GLU C 73 3.21 -13.49 2.77
CA GLU C 73 4.55 -12.95 2.63
C GLU C 73 5.37 -13.33 3.85
N LEU C 74 4.87 -12.95 5.03
CA LEU C 74 5.58 -13.25 6.26
C LEU C 74 5.96 -14.72 6.36
N LEU C 75 5.10 -15.59 5.86
CA LEU C 75 5.38 -17.02 5.94
C LEU C 75 6.45 -17.51 4.98
N THR C 76 6.58 -16.85 3.83
CA THR C 76 7.56 -17.28 2.86
C THR C 76 8.85 -16.50 3.01
N ASP C 77 9.09 -16.01 4.23
CA ASP C 77 10.27 -15.23 4.55
C ASP C 77 11.02 -15.83 5.74
N LYS C 78 12.23 -16.32 5.50
CA LYS C 78 13.06 -16.95 6.53
C LYS C 78 13.11 -16.23 7.88
N SER C 79 13.35 -14.93 7.85
CA SER C 79 13.47 -14.16 9.09
C SER C 79 12.22 -14.12 9.96
N SER C 80 11.08 -13.87 9.34
CA SER C 80 9.83 -13.77 10.07
C SER C 80 9.48 -15.04 10.83
N GLN C 81 10.22 -16.10 10.55
CA GLN C 81 9.97 -17.39 11.18
C GLN C 81 9.87 -17.50 12.69
N SER C 82 10.13 -16.45 13.44
CA SER C 82 10.04 -16.58 14.89
C SER C 82 8.65 -16.23 15.43
N PHE C 83 7.91 -15.38 14.72
CA PHE C 83 6.56 -15.00 15.17
C PHE C 83 5.42 -15.62 14.34
N ILE C 84 5.76 -16.23 13.21
CA ILE C 84 4.77 -16.90 12.36
C ILE C 84 5.45 -18.01 11.58
N SER C 85 4.82 -19.18 11.55
CA SER C 85 5.41 -20.32 10.86
C SER C 85 4.39 -21.34 10.38
N TRP C 86 4.84 -22.27 9.53
CA TRP C 86 3.97 -23.31 9.03
C TRP C 86 4.06 -24.46 10.04
N THR C 87 2.93 -25.10 10.35
CA THR C 87 2.93 -26.21 11.29
C THR C 87 3.47 -27.48 10.65
N GLY C 88 3.68 -27.43 9.34
CA GLY C 88 4.20 -28.59 8.62
C GLY C 88 3.12 -29.42 7.96
N ASP C 89 1.88 -29.25 8.42
CA ASP C 89 0.74 -29.98 7.88
C ASP C 89 0.01 -29.22 6.77
N GLY C 90 0.48 -29.40 5.54
CA GLY C 90 -0.15 -28.73 4.41
C GLY C 90 -0.05 -27.21 4.42
N TRP C 91 -1.20 -26.55 4.30
CA TRP C 91 -1.23 -25.09 4.31
C TRP C 91 -1.63 -24.54 5.68
N GLU C 92 -1.50 -25.36 6.71
CA GLU C 92 -1.83 -24.90 8.05
C GLU C 92 -0.70 -24.06 8.61
N PHE C 93 -1.04 -22.88 9.12
CA PHE C 93 -0.03 -22.02 9.69
C PHE C 93 -0.47 -21.59 11.08
N LYS C 94 0.49 -21.16 11.88
CA LYS C 94 0.20 -20.74 13.24
C LYS C 94 0.90 -19.45 13.60
N LEU C 95 0.17 -18.56 14.27
CA LEU C 95 0.73 -17.29 14.69
C LEU C 95 1.35 -17.48 16.09
N SER C 96 2.61 -17.92 16.11
CA SER C 96 3.31 -18.16 17.36
C SER C 96 3.25 -16.94 18.28
N ASP C 97 3.50 -15.75 17.73
CA ASP C 97 3.44 -14.51 18.51
C ASP C 97 2.43 -13.56 17.83
N PRO C 98 1.14 -13.73 18.14
CA PRO C 98 0.01 -12.95 17.62
C PRO C 98 0.18 -11.45 17.56
N ASP C 99 0.78 -10.87 18.58
CA ASP C 99 0.93 -9.43 18.57
C ASP C 99 1.99 -8.91 17.63
N GLU C 100 3.04 -9.71 17.42
CA GLU C 100 4.09 -9.28 16.51
C GLU C 100 3.47 -9.21 15.11
N VAL C 101 2.67 -10.23 14.77
CA VAL C 101 2.00 -10.27 13.46
C VAL C 101 1.03 -9.10 13.33
N ALA C 102 0.27 -8.81 14.39
CA ALA C 102 -0.68 -7.70 14.37
C ALA C 102 0.05 -6.37 14.23
N ARG C 103 1.15 -6.21 14.97
CA ARG C 103 1.93 -4.98 14.93
C ARG C 103 2.39 -4.68 13.51
N ARG C 104 2.88 -5.70 12.82
CA ARG C 104 3.35 -5.51 11.46
C ARG C 104 2.19 -5.24 10.50
N TRP C 105 1.09 -5.96 10.69
CA TRP C 105 -0.08 -5.76 9.85
C TRP C 105 -0.45 -4.28 9.97
N GLY C 106 -0.50 -3.79 11.19
CA GLY C 106 -0.83 -2.39 11.41
C GLY C 106 0.20 -1.45 10.82
N LYS C 107 1.48 -1.75 11.04
CA LYS C 107 2.53 -0.89 10.51
C LYS C 107 2.45 -0.88 8.98
N ARG C 108 2.07 -1.99 8.40
CA ARG C 108 1.96 -2.08 6.94
C ARG C 108 0.79 -1.30 6.33
N LYS C 109 -0.31 -1.18 7.05
CA LYS C 109 -1.50 -0.46 6.55
C LYS C 109 -1.70 0.91 7.19
N ASN C 110 -0.77 1.32 8.04
CA ASN C 110 -0.86 2.61 8.74
C ASN C 110 -1.99 2.60 9.75
N LYS C 111 -2.19 1.44 10.38
CA LYS C 111 -3.21 1.30 11.39
C LYS C 111 -2.43 1.03 12.67
N PRO C 112 -1.98 2.09 13.36
CA PRO C 112 -1.22 1.94 14.60
C PRO C 112 -1.94 1.15 15.71
N LYS C 113 -3.24 1.33 15.84
CA LYS C 113 -3.99 0.61 16.87
C LYS C 113 -4.38 -0.84 16.53
N MET C 114 -3.80 -1.40 15.46
CA MET C 114 -4.11 -2.78 15.07
C MET C 114 -3.65 -3.77 16.12
N ASN C 115 -4.33 -4.91 16.22
CA ASN C 115 -3.97 -5.94 17.18
C ASN C 115 -4.66 -7.24 16.79
N TYR C 116 -4.40 -8.32 17.50
CA TYR C 116 -4.98 -9.60 17.15
C TYR C 116 -6.51 -9.73 17.25
N GLU C 117 -7.13 -9.06 18.22
CA GLU C 117 -8.58 -9.16 18.38
C GLU C 117 -9.28 -8.67 17.11
N LYS C 118 -8.73 -7.63 16.51
CA LYS C 118 -9.29 -7.05 15.29
C LYS C 118 -8.76 -7.77 14.06
N LEU C 119 -7.45 -8.06 14.05
CA LEU C 119 -6.88 -8.73 12.90
C LEU C 119 -7.65 -10.02 12.66
N SER C 120 -7.91 -10.77 13.73
CA SER C 120 -8.65 -12.03 13.63
C SER C 120 -10.07 -11.87 13.10
N ARG C 121 -10.70 -10.73 13.35
CA ARG C 121 -12.06 -10.55 12.84
C ARG C 121 -11.95 -10.64 11.34
N GLY C 122 -10.85 -10.12 10.81
CA GLY C 122 -10.61 -10.12 9.39
C GLY C 122 -10.58 -11.55 8.88
N LEU C 123 -9.88 -12.43 9.60
CA LEU C 123 -9.81 -13.82 9.20
C LEU C 123 -11.20 -14.48 9.22
N ARG C 124 -11.96 -14.26 10.30
CA ARG C 124 -13.29 -14.87 10.40
C ARG C 124 -14.19 -14.58 9.20
N TYR C 125 -14.02 -13.42 8.57
CA TYR C 125 -14.82 -13.08 7.39
C TYR C 125 -14.44 -13.95 6.19
N TYR C 126 -13.25 -14.55 6.24
CA TYR C 126 -12.78 -15.42 5.18
C TYR C 126 -13.51 -16.75 5.19
N TYR C 127 -14.04 -17.15 6.34
CA TYR C 127 -14.73 -18.42 6.43
C TYR C 127 -15.75 -18.67 5.32
N ASP C 128 -16.48 -17.64 4.90
CA ASP C 128 -17.45 -17.82 3.83
C ASP C 128 -16.81 -17.72 2.46
N LYS C 129 -15.90 -16.77 2.31
CA LYS C 129 -15.23 -16.55 1.05
C LYS C 129 -14.26 -17.66 0.69
N ASN C 130 -14.29 -18.75 1.45
CA ASN C 130 -13.38 -19.87 1.22
C ASN C 130 -11.96 -19.42 0.83
N ILE C 131 -11.20 -18.93 1.80
CA ILE C 131 -9.83 -18.51 1.55
C ILE C 131 -8.96 -19.11 2.65
N ILE C 132 -9.42 -18.96 3.88
CA ILE C 132 -8.75 -19.46 5.07
C ILE C 132 -9.80 -20.04 6.01
N HIS C 133 -9.47 -21.13 6.68
CA HIS C 133 -10.39 -21.73 7.64
C HIS C 133 -9.67 -21.89 8.97
N LYS C 134 -10.43 -21.90 10.06
CA LYS C 134 -9.85 -22.06 11.39
C LYS C 134 -9.57 -23.50 11.77
N THR C 135 -8.39 -23.78 12.30
CA THR C 135 -8.07 -25.14 12.75
C THR C 135 -8.64 -25.24 14.17
N ALA C 136 -9.88 -25.71 14.27
CA ALA C 136 -10.56 -25.84 15.55
C ALA C 136 -9.78 -26.56 16.64
N GLY C 137 -9.83 -26.00 17.84
CA GLY C 137 -9.13 -26.59 18.97
C GLY C 137 -7.66 -26.23 19.12
N LYS C 138 -7.14 -25.42 18.21
CA LYS C 138 -5.74 -25.05 18.31
C LYS C 138 -5.49 -23.55 18.23
N ARG C 139 -5.04 -23.01 19.35
CA ARG C 139 -4.76 -21.59 19.50
C ARG C 139 -3.92 -21.00 18.37
N TYR C 140 -4.42 -19.91 17.79
CA TYR C 140 -3.73 -19.19 16.73
C TYR C 140 -3.39 -20.05 15.51
N VAL C 141 -4.30 -20.92 15.09
CA VAL C 141 -4.00 -21.77 13.95
C VAL C 141 -5.04 -21.71 12.83
N TYR C 142 -4.57 -21.41 11.64
CA TYR C 142 -5.44 -21.31 10.48
C TYR C 142 -4.85 -22.07 9.29
N ARG C 143 -5.66 -22.28 8.26
CA ARG C 143 -5.19 -23.00 7.08
C ARG C 143 -5.75 -22.35 5.82
N PHE C 144 -4.91 -22.12 4.81
CA PHE C 144 -5.38 -21.53 3.55
C PHE C 144 -6.15 -22.65 2.85
N VAL C 145 -7.08 -22.32 1.94
CA VAL C 145 -7.77 -23.39 1.22
C VAL C 145 -6.72 -23.84 0.19
N SER C 146 -6.66 -25.15 -0.02
CA SER C 146 -5.68 -25.73 -0.93
C SER C 146 -5.64 -25.19 -2.36
N ASP C 147 -6.63 -24.40 -2.75
CA ASP C 147 -6.62 -23.86 -4.10
C ASP C 147 -5.56 -22.77 -4.29
N LEU C 148 -4.90 -22.39 -3.21
CA LEU C 148 -3.87 -21.37 -3.27
C LEU C 148 -2.76 -21.90 -4.17
N GLN C 149 -2.67 -23.22 -4.26
CA GLN C 149 -1.64 -23.89 -5.07
C GLN C 149 -1.81 -23.63 -6.55
N SER C 150 -3.03 -23.45 -7.02
CA SER C 150 -3.21 -23.22 -8.45
C SER C 150 -2.98 -21.76 -8.78
N LEU C 151 -2.98 -20.92 -7.75
CA LEU C 151 -2.74 -19.49 -7.94
C LEU C 151 -1.24 -19.20 -7.79
N LEU C 152 -0.62 -19.74 -6.75
CA LEU C 152 0.80 -19.50 -6.52
C LEU C 152 1.73 -20.27 -7.45
N GLY C 153 1.40 -21.52 -7.75
CA GLY C 153 2.26 -22.30 -8.60
C GLY C 153 3.19 -23.15 -7.78
N TYR C 154 3.22 -22.90 -6.48
CA TYR C 154 4.06 -23.65 -5.56
C TYR C 154 3.21 -24.59 -4.73
N THR C 155 3.81 -25.71 -4.33
CA THR C 155 3.15 -26.71 -3.52
C THR C 155 3.53 -26.44 -2.07
N PRO C 156 2.61 -26.69 -1.13
CA PRO C 156 2.97 -26.46 0.27
C PRO C 156 4.30 -27.13 0.62
N GLU C 157 4.55 -28.30 0.06
CA GLU C 157 5.78 -29.03 0.31
C GLU C 157 7.00 -28.37 -0.34
N GLU C 158 6.81 -27.78 -1.52
CA GLU C 158 7.91 -27.12 -2.22
C GLU C 158 8.30 -25.88 -1.42
N LEU C 159 7.30 -25.23 -0.84
CA LEU C 159 7.50 -24.03 -0.04
C LEU C 159 8.20 -24.43 1.26
N HIS C 160 7.73 -25.49 1.91
CA HIS C 160 8.33 -25.96 3.15
C HIS C 160 9.82 -26.23 2.91
N ALA C 161 10.12 -26.89 1.79
CA ALA C 161 11.48 -27.24 1.44
C ALA C 161 12.34 -26.00 1.23
N MET C 162 11.88 -25.07 0.37
CA MET C 162 12.62 -23.85 0.12
C MET C 162 13.04 -23.19 1.42
N LEU C 163 12.13 -23.16 2.39
CA LEU C 163 12.46 -22.60 3.69
C LEU C 163 13.05 -23.78 4.46
N ASP C 164 12.60 -24.02 5.69
CA ASP C 164 13.12 -25.15 6.46
C ASP C 164 12.18 -25.55 7.59
N VAL C 165 11.24 -26.45 7.30
CA VAL C 165 10.29 -26.90 8.30
C VAL C 165 9.91 -28.37 8.12
N LYS C 166 9.60 -29.03 9.23
CA LYS C 166 9.22 -30.42 9.20
C LYS C 166 8.02 -30.66 10.12
N VAL D 38 32.67 19.18 7.30
CA VAL D 38 32.33 19.64 5.94
C VAL D 38 31.96 18.42 5.14
N ARG D 39 32.23 17.26 5.72
CA ARG D 39 31.88 15.98 5.11
C ARG D 39 30.43 15.82 5.51
N ASP D 40 30.12 16.47 6.62
CA ASP D 40 28.79 16.52 7.20
C ASP D 40 27.99 17.37 6.21
N ARG D 41 28.27 17.18 4.92
CA ARG D 41 27.57 17.89 3.85
C ARG D 41 26.65 16.86 3.20
N ALA D 42 26.38 15.80 3.97
CA ALA D 42 25.49 14.76 3.54
C ALA D 42 24.08 15.32 3.78
N ASP D 43 23.83 16.50 3.22
CA ASP D 43 22.53 17.19 3.36
C ASP D 43 21.95 17.53 1.98
N LEU D 44 21.05 16.67 1.52
CA LEU D 44 20.40 16.80 0.24
C LEU D 44 18.91 17.18 0.31
N ASN D 45 18.39 17.56 -0.85
CA ASN D 45 17.00 17.96 -1.06
C ASN D 45 16.73 17.55 -2.52
N LYS D 46 17.16 16.34 -2.86
CA LYS D 46 17.06 15.80 -4.23
C LYS D 46 15.68 15.59 -4.84
N ASP D 47 15.63 14.68 -5.82
CA ASP D 47 14.40 14.38 -6.55
C ASP D 47 13.53 13.24 -6.00
N LYS D 48 12.84 13.56 -4.91
CA LYS D 48 11.92 12.67 -4.23
C LYS D 48 10.79 13.61 -3.83
N PRO D 49 9.55 13.11 -3.83
CA PRO D 49 8.43 13.98 -3.45
C PRO D 49 8.66 14.73 -2.12
N VAL D 50 8.30 16.01 -2.09
CA VAL D 50 8.45 16.80 -0.87
C VAL D 50 7.50 16.27 0.19
N ILE D 51 6.43 15.62 -0.26
CA ILE D 51 5.42 15.07 0.63
C ILE D 51 4.97 13.69 0.14
N PRO D 52 5.68 12.64 0.52
CA PRO D 52 5.29 11.29 0.08
C PRO D 52 3.96 10.89 0.73
N ALA D 53 3.10 10.23 -0.04
CA ALA D 53 1.82 9.82 0.49
C ALA D 53 1.97 8.82 1.63
N ALA D 54 2.89 7.86 1.48
CA ALA D 54 3.11 6.85 2.50
C ALA D 54 3.47 7.44 3.87
N ALA D 55 4.43 8.36 3.87
CA ALA D 55 4.89 9.03 5.08
C ALA D 55 3.80 9.90 5.69
N LEU D 56 3.07 10.62 4.83
CA LEU D 56 1.99 11.47 5.33
C LEU D 56 0.98 10.59 6.06
N ALA D 57 0.66 9.45 5.49
CA ALA D 57 -0.29 8.53 6.11
C ALA D 57 0.26 8.00 7.43
N GLY D 58 1.56 7.68 7.44
CA GLY D 58 2.19 7.16 8.63
C GLY D 58 2.18 8.20 9.73
N TYR D 59 2.45 9.45 9.34
CA TYR D 59 2.46 10.57 10.29
C TYR D 59 1.08 10.78 10.90
N THR D 60 0.04 10.55 10.13
CA THR D 60 -1.29 10.74 10.64
C THR D 60 -1.95 9.42 11.00
N GLY D 61 -1.33 8.31 10.61
CA GLY D 61 -1.90 7.02 10.90
C GLY D 61 -3.32 7.00 10.37
N SER D 62 -3.47 7.37 9.10
CA SER D 62 -4.78 7.43 8.47
C SER D 62 -5.18 6.16 7.69
N GLY D 63 -4.38 5.11 7.81
CA GLY D 63 -4.70 3.87 7.10
C GLY D 63 -4.10 3.86 5.71
N PRO D 64 -4.55 2.95 4.83
CA PRO D 64 -4.02 2.88 3.46
C PRO D 64 -3.99 4.26 2.80
N ILE D 65 -3.05 4.46 1.90
CA ILE D 65 -2.91 5.71 1.17
C ILE D 65 -4.26 6.07 0.52
N GLN D 66 -4.73 7.30 0.73
CA GLN D 66 -5.99 7.74 0.15
C GLN D 66 -5.72 8.55 -1.12
N LEU D 67 -6.74 8.72 -1.95
CA LEU D 67 -6.56 9.47 -3.20
C LEU D 67 -6.01 10.88 -3.06
N TRP D 68 -6.49 11.66 -2.09
CA TRP D 68 -6.03 13.02 -1.97
C TRP D 68 -4.58 13.10 -1.53
N GLN D 69 -4.11 12.07 -0.83
CA GLN D 69 -2.74 12.03 -0.38
C GLN D 69 -1.90 11.69 -1.59
N PHE D 70 -2.47 10.83 -2.44
CA PHE D 70 -1.79 10.40 -3.65
C PHE D 70 -1.49 11.56 -4.56
N LEU D 71 -2.49 12.40 -4.81
CA LEU D 71 -2.33 13.56 -5.67
C LEU D 71 -1.37 14.58 -5.05
N LEU D 72 -1.33 14.63 -3.72
CA LEU D 72 -0.45 15.56 -3.04
C LEU D 72 0.99 15.19 -3.39
N GLU D 73 1.33 13.92 -3.26
CA GLU D 73 2.66 13.45 -3.59
C GLU D 73 3.06 13.84 -5.02
N LEU D 74 2.25 13.50 -6.02
CA LEU D 74 2.61 13.86 -7.38
C LEU D 74 2.80 15.37 -7.56
N LEU D 75 2.02 16.18 -6.84
CA LEU D 75 2.13 17.63 -6.96
C LEU D 75 3.43 18.19 -6.35
N THR D 76 4.00 17.45 -5.42
CA THR D 76 5.23 17.89 -4.78
C THR D 76 6.44 17.12 -5.32
N ASP D 77 6.37 16.73 -6.60
CA ASP D 77 7.45 15.99 -7.23
C ASP D 77 7.81 16.60 -8.58
N LYS D 78 8.96 17.26 -8.64
CA LYS D 78 9.44 17.93 -9.85
C LYS D 78 9.20 17.16 -11.15
N SER D 79 9.49 15.88 -11.15
CA SER D 79 9.33 15.07 -12.37
C SER D 79 7.91 14.81 -12.86
N SER D 80 6.91 15.18 -12.06
CA SER D 80 5.51 14.93 -12.45
C SER D 80 4.78 16.17 -12.97
N GLN D 81 5.46 17.30 -13.01
CA GLN D 81 4.84 18.54 -13.46
C GLN D 81 4.32 18.54 -14.88
N SER D 82 4.35 17.41 -15.55
CA SER D 82 3.88 17.37 -16.93
C SER D 82 2.43 16.91 -17.06
N PHE D 83 1.93 16.17 -16.08
CA PHE D 83 0.56 15.70 -16.13
C PHE D 83 -0.34 16.26 -15.03
N ILE D 84 0.28 16.75 -13.95
CA ILE D 84 -0.46 17.36 -12.85
C ILE D 84 0.39 18.45 -12.20
N SER D 85 -0.22 19.58 -11.89
CA SER D 85 0.52 20.69 -11.28
C SER D 85 -0.37 21.76 -10.65
N TRP D 86 0.24 22.60 -9.80
CA TRP D 86 -0.45 23.68 -9.12
C TRP D 86 -0.74 24.78 -10.12
N THR D 87 -1.92 25.38 -10.03
CA THR D 87 -2.29 26.45 -10.95
C THR D 87 -1.76 27.80 -10.47
N GLY D 88 -1.21 27.84 -9.27
CA GLY D 88 -0.67 29.08 -8.74
C GLY D 88 -1.60 29.84 -7.81
N ASP D 89 -2.85 29.40 -7.71
CA ASP D 89 -3.83 30.04 -6.83
C ASP D 89 -4.07 29.15 -5.60
N GLY D 90 -3.45 29.50 -4.48
CA GLY D 90 -3.62 28.71 -3.27
C GLY D 90 -3.30 27.25 -3.50
N TRP D 91 -4.23 26.37 -3.12
CA TRP D 91 -4.07 24.93 -3.26
C TRP D 91 -4.84 24.38 -4.45
N GLU D 92 -5.08 25.22 -5.44
CA GLU D 92 -5.82 24.78 -6.62
C GLU D 92 -4.88 24.02 -7.55
N PHE D 93 -5.26 22.80 -7.90
CA PHE D 93 -4.42 22.02 -8.77
C PHE D 93 -5.19 21.64 -10.02
N LYS D 94 -4.46 21.24 -11.05
CA LYS D 94 -5.06 20.86 -12.30
C LYS D 94 -4.50 19.55 -12.82
N LEU D 95 -5.40 18.73 -13.36
CA LEU D 95 -5.00 17.47 -13.97
C LEU D 95 -4.88 17.75 -15.47
N SER D 96 -3.69 18.16 -15.90
CA SER D 96 -3.43 18.47 -17.30
C SER D 96 -3.52 17.21 -18.15
N ASP D 97 -3.33 16.06 -17.52
CA ASP D 97 -3.42 14.77 -18.21
C ASP D 97 -4.10 13.78 -17.26
N PRO D 98 -5.44 13.86 -17.15
CA PRO D 98 -6.25 13.00 -16.29
C PRO D 98 -5.95 11.51 -16.43
N ASP D 99 -5.81 11.05 -17.67
CA ASP D 99 -5.54 9.64 -17.92
C ASP D 99 -4.22 9.16 -17.33
N GLU D 100 -3.19 10.00 -17.35
CA GLU D 100 -1.89 9.60 -16.78
C GLU D 100 -2.01 9.52 -15.26
N VAL D 101 -2.76 10.46 -14.68
CA VAL D 101 -2.96 10.45 -13.23
C VAL D 101 -3.71 9.18 -12.86
N ALA D 102 -4.80 8.89 -13.58
CA ALA D 102 -5.58 7.68 -13.28
C ALA D 102 -4.70 6.45 -13.43
N ARG D 103 -4.00 6.36 -14.56
CA ARG D 103 -3.11 5.22 -14.78
C ARG D 103 -2.21 5.03 -13.57
N ARG D 104 -1.50 6.08 -13.16
CA ARG D 104 -0.62 5.98 -12.02
C ARG D 104 -1.36 5.59 -10.76
N TRP D 105 -2.55 6.19 -10.56
CA TRP D 105 -3.38 5.89 -9.38
C TRP D 105 -3.67 4.40 -9.41
N GLY D 106 -4.05 3.91 -10.58
CA GLY D 106 -4.34 2.51 -10.72
C GLY D 106 -3.16 1.63 -10.36
N LYS D 107 -1.96 2.03 -10.77
CA LYS D 107 -0.77 1.23 -10.48
C LYS D 107 -0.41 1.21 -9.00
N ARG D 108 -0.71 2.30 -8.30
CA ARG D 108 -0.40 2.37 -6.87
C ARG D 108 -1.25 1.42 -6.03
N LYS D 109 -2.52 1.31 -6.38
CA LYS D 109 -3.42 0.44 -5.63
C LYS D 109 -3.73 -0.90 -6.31
N ASN D 110 -3.01 -1.19 -7.39
CA ASN D 110 -3.22 -2.44 -8.14
C ASN D 110 -4.63 -2.61 -8.68
N LYS D 111 -5.10 -1.61 -9.42
CA LYS D 111 -6.41 -1.63 -10.04
C LYS D 111 -6.16 -1.22 -11.48
N PRO D 112 -5.68 -2.15 -12.30
CA PRO D 112 -5.39 -1.91 -13.73
C PRO D 112 -6.49 -1.30 -14.58
N LYS D 113 -7.75 -1.51 -14.21
CA LYS D 113 -8.87 -0.97 -15.00
C LYS D 113 -9.28 0.45 -14.60
N MET D 114 -8.47 1.10 -13.77
CA MET D 114 -8.73 2.45 -13.30
C MET D 114 -8.65 3.49 -14.41
N ASN D 115 -9.58 4.45 -14.40
CA ASN D 115 -9.60 5.52 -15.38
C ASN D 115 -10.10 6.78 -14.67
N TYR D 116 -9.98 7.92 -15.31
CA TYR D 116 -10.42 9.18 -14.72
C TYR D 116 -11.92 9.15 -14.37
N GLU D 117 -12.71 8.54 -15.24
CA GLU D 117 -14.16 8.45 -15.04
C GLU D 117 -14.45 8.00 -13.60
N LYS D 118 -13.68 7.01 -13.13
CA LYS D 118 -13.85 6.47 -11.79
C LYS D 118 -13.06 7.20 -10.69
N LEU D 119 -11.84 7.64 -11.01
CA LEU D 119 -11.03 8.36 -10.05
C LEU D 119 -11.80 9.59 -9.63
N SER D 120 -12.41 10.28 -10.60
CA SER D 120 -13.18 11.49 -10.29
C SER D 120 -14.46 11.22 -9.49
N ARG D 121 -14.90 9.97 -9.43
CA ARG D 121 -16.08 9.67 -8.66
C ARG D 121 -15.63 9.76 -7.21
N GLY D 122 -14.45 9.21 -6.95
CA GLY D 122 -13.88 9.21 -5.61
C GLY D 122 -13.72 10.64 -5.15
N LEU D 123 -13.27 11.51 -6.06
CA LEU D 123 -13.11 12.90 -5.74
C LEU D 123 -14.43 13.55 -5.33
N ARG D 124 -15.50 13.21 -6.06
CA ARG D 124 -16.80 13.79 -5.77
C ARG D 124 -17.30 13.47 -4.38
N TYR D 125 -16.89 12.32 -3.84
CA TYR D 125 -17.28 11.95 -2.49
C TYR D 125 -16.54 12.81 -1.47
N TYR D 126 -15.62 13.65 -1.95
CA TYR D 126 -14.87 14.51 -1.05
C TYR D 126 -15.64 15.81 -0.82
N TYR D 127 -16.63 16.07 -1.66
CA TYR D 127 -17.39 17.30 -1.49
C TYR D 127 -18.12 17.37 -0.14
N ASP D 128 -18.82 16.31 0.24
CA ASP D 128 -19.53 16.32 1.51
C ASP D 128 -18.60 16.10 2.69
N LYS D 129 -17.37 15.68 2.39
CA LYS D 129 -16.39 15.49 3.45
C LYS D 129 -15.53 16.73 3.61
N ASN D 130 -15.75 17.72 2.73
CA ASN D 130 -15.03 18.99 2.77
C ASN D 130 -13.52 18.87 2.61
N ILE D 131 -13.07 17.99 1.74
CA ILE D 131 -11.66 17.83 1.51
C ILE D 131 -11.32 18.48 0.19
N ILE D 132 -12.27 18.45 -0.75
CA ILE D 132 -12.02 19.10 -2.02
C ILE D 132 -13.20 19.87 -2.59
N HIS D 133 -12.88 20.95 -3.28
CA HIS D 133 -13.88 21.79 -3.90
C HIS D 133 -13.60 21.84 -5.39
N LYS D 134 -14.66 21.79 -6.19
CA LYS D 134 -14.52 21.80 -7.65
C LYS D 134 -14.62 23.21 -8.17
N THR D 135 -13.58 23.64 -8.88
CA THR D 135 -13.60 24.96 -9.47
C THR D 135 -14.62 24.84 -10.60
N ALA D 136 -15.63 25.69 -10.59
CA ALA D 136 -16.62 25.63 -11.64
C ALA D 136 -16.12 26.29 -12.93
N GLY D 137 -16.40 25.65 -14.06
CA GLY D 137 -16.00 26.22 -15.34
C GLY D 137 -14.56 25.97 -15.74
N LYS D 138 -13.88 25.05 -15.06
CA LYS D 138 -12.50 24.77 -15.40
C LYS D 138 -12.24 23.27 -15.41
N ARG D 139 -12.17 22.72 -16.61
CA ARG D 139 -11.93 21.30 -16.79
C ARG D 139 -10.76 20.77 -15.98
N TYR D 140 -11.01 19.70 -15.23
CA TYR D 140 -9.97 19.03 -14.45
C TYR D 140 -9.32 19.85 -13.35
N VAL D 141 -9.99 20.90 -12.87
CA VAL D 141 -9.40 21.72 -11.83
C VAL D 141 -10.12 21.54 -10.49
N TYR D 142 -9.36 21.19 -9.46
CA TYR D 142 -9.91 20.96 -8.14
C TYR D 142 -9.08 21.74 -7.13
N ARG D 143 -9.57 21.83 -5.90
CA ARG D 143 -8.84 22.55 -4.85
C ARG D 143 -8.96 21.87 -3.49
N PHE D 144 -7.83 21.69 -2.81
CA PHE D 144 -7.83 21.08 -1.47
C PHE D 144 -8.42 22.13 -0.55
N VAL D 145 -9.40 21.74 0.27
CA VAL D 145 -10.00 22.70 1.18
C VAL D 145 -9.91 22.32 2.65
N SER D 146 -9.33 21.16 2.95
CA SER D 146 -9.13 20.80 4.35
C SER D 146 -7.97 21.74 4.67
N ASP D 147 -7.73 22.08 5.91
CA ASP D 147 -6.63 23.01 6.15
C ASP D 147 -5.27 22.35 6.00
N LEU D 148 -4.80 22.21 4.76
CA LEU D 148 -3.51 21.56 4.51
C LEU D 148 -2.29 22.27 5.08
N GLN D 149 -2.32 23.59 5.12
CA GLN D 149 -1.19 24.36 5.64
C GLN D 149 -0.81 24.03 7.08
N SER D 150 -1.80 23.84 7.95
CA SER D 150 -1.50 23.53 9.34
C SER D 150 -1.28 22.04 9.59
N LEU D 151 -1.41 21.23 8.55
CA LEU D 151 -1.21 19.80 8.68
C LEU D 151 0.13 19.41 8.08
N LEU D 152 0.55 20.15 7.07
CA LEU D 152 1.83 19.87 6.41
C LEU D 152 2.92 20.81 6.89
N GLY D 153 2.52 21.93 7.50
CA GLY D 153 3.51 22.87 7.96
C GLY D 153 4.02 23.75 6.84
N TYR D 154 3.79 23.34 5.59
CA TYR D 154 4.23 24.13 4.46
C TYR D 154 3.19 25.15 4.04
N THR D 155 3.57 26.00 3.10
CA THR D 155 2.68 27.04 2.61
C THR D 155 2.50 26.89 1.10
N PRO D 156 1.35 27.33 0.58
CA PRO D 156 1.16 27.22 -0.87
C PRO D 156 2.36 27.85 -1.54
N GLU D 157 2.77 29.00 -1.02
CA GLU D 157 3.91 29.74 -1.53
C GLU D 157 5.24 28.96 -1.47
N GLU D 158 5.60 28.47 -0.28
CA GLU D 158 6.85 27.71 -0.12
C GLU D 158 6.92 26.53 -1.07
N LEU D 159 5.85 25.75 -1.11
CA LEU D 159 5.80 24.59 -1.99
C LEU D 159 5.97 25.09 -3.42
N HIS D 160 5.39 26.25 -3.71
CA HIS D 160 5.51 26.84 -5.04
C HIS D 160 6.97 27.19 -5.27
N ALA D 161 7.66 27.55 -4.19
CA ALA D 161 9.08 27.91 -4.24
C ALA D 161 9.98 26.69 -4.41
N MET D 162 9.77 25.67 -3.56
CA MET D 162 10.56 24.45 -3.64
C MET D 162 10.43 23.86 -5.03
N LEU D 163 9.42 24.32 -5.75
CA LEU D 163 9.15 23.89 -7.11
C LEU D 163 9.19 25.18 -7.93
N ASP D 164 8.99 25.09 -9.24
CA ASP D 164 9.01 26.29 -10.06
C ASP D 164 7.64 26.52 -10.67
N VAL D 165 6.70 26.94 -9.84
CA VAL D 165 5.34 27.18 -10.29
C VAL D 165 4.85 28.61 -10.11
N LYS D 166 3.70 28.88 -10.72
CA LYS D 166 2.99 30.17 -10.68
C LYS D 166 2.10 30.27 -11.92
#